data_4X2Z
#
_entry.id   4X2Z
#
_cell.length_a   71.312
_cell.length_b   95.123
_cell.length_c   118.358
_cell.angle_alpha   90.00
_cell.angle_beta   90.00
_cell.angle_gamma   90.00
#
_symmetry.space_group_name_H-M   'I 2 2 2'
#
loop_
_entity.id
_entity.type
_entity.pdbx_description
1 polymer 'Nonstructural protein 3'
2 non-polymer 'ZINC ION'
3 water water
#
_entity_poly.entity_id   1
_entity_poly.type   'polypeptide(L)'
_entity_poly.pdbx_seq_one_letter_code
;GPLGSTCKQKTIYLTEDGVKYRSIVLKPGDSLGQFGQVYAKNKIVFTADDVEDKEILYVPTTDKSILEYYGLDAQKYVIY
LQTLAQKWNVQYRDNFLILEWRDGNCWISSAIVLLQAAKIRFKGFLTEAWAKLLGGDPTDFVAWCYASCTAKVGDFSDAN
WLLANLAEHFDADYTNAFLKKRVSCNCGIKSYELRGLEACIQPVRATNLLHFKTQYSNCPTCGANNTDEVIEASLPYLLL
FATDGPATVDCDEDAVGTVVFVGSTNSGHCYTQAAGQAFDNLAKDRKFGKKSPYITA(MSE)YTRFAFKNETSLPVAKQL
ERPHRD
;
_entity_poly.pdbx_strand_id   A
#
# COMPACT_ATOMS: atom_id res chain seq x y z
N GLN A 9 -35.77 2.81 22.52
CA GLN A 9 -34.53 3.15 23.22
C GLN A 9 -33.38 2.20 22.86
N LYS A 10 -32.17 2.76 22.80
CA LYS A 10 -31.01 2.06 22.22
C LYS A 10 -29.79 2.07 23.13
N THR A 11 -29.06 0.96 23.13
CA THR A 11 -27.75 0.94 23.77
C THR A 11 -26.69 0.90 22.66
N ILE A 12 -25.81 1.89 22.63
CA ILE A 12 -24.78 1.90 21.60
C ILE A 12 -23.39 1.78 22.22
N TYR A 13 -22.45 1.26 21.45
CA TYR A 13 -21.07 1.09 21.89
C TYR A 13 -20.16 2.10 21.21
N LEU A 14 -19.55 2.98 21.98
CA LEU A 14 -18.61 3.99 21.48
C LEU A 14 -17.16 3.51 21.60
N THR A 15 -16.37 3.70 20.55
CA THR A 15 -14.95 3.35 20.63
C THR A 15 -14.04 4.36 19.94
N GLU A 16 -12.90 4.61 20.59
CA GLU A 16 -11.84 5.46 20.03
C GLU A 16 -10.85 4.68 19.17
N ASP A 17 -10.82 3.36 19.32
CA ASP A 17 -9.79 2.57 18.67
C ASP A 17 -10.29 1.28 18.01
N GLY A 18 -11.51 0.87 18.35
CA GLY A 18 -12.06 -0.37 17.82
C GLY A 18 -11.64 -1.58 18.65
N VAL A 19 -11.12 -1.33 19.85
CA VAL A 19 -10.74 -2.40 20.78
C VAL A 19 -11.40 -2.24 22.16
N LYS A 20 -11.34 -1.04 22.72
CA LYS A 20 -12.00 -0.74 23.97
C LYS A 20 -13.31 0.02 23.71
N TYR A 21 -14.37 -0.37 24.42
CA TYR A 21 -15.70 0.23 24.22
C TYR A 21 -16.23 0.86 25.49
N ARG A 22 -17.17 1.78 25.32
CA ARG A 22 -18.00 2.19 26.43
C ARG A 22 -19.45 2.21 25.96
N SER A 23 -20.34 1.71 26.80
CA SER A 23 -21.75 1.67 26.46
C SER A 23 -22.42 2.98 26.87
N ILE A 24 -23.43 3.34 26.11
CA ILE A 24 -24.19 4.55 26.31
C ILE A 24 -25.62 4.23 25.95
N VAL A 25 -26.56 4.68 26.77
CA VAL A 25 -27.96 4.48 26.48
C VAL A 25 -28.53 5.73 25.82
N LEU A 26 -29.11 5.56 24.64
CA LEU A 26 -29.82 6.66 23.98
C LEU A 26 -31.30 6.51 24.25
N LYS A 27 -31.86 7.45 25.03
CA LYS A 27 -33.29 7.53 25.22
C LYS A 27 -33.93 8.08 23.93
N PRO A 28 -35.20 7.74 23.67
CA PRO A 28 -35.92 8.16 22.45
C PRO A 28 -35.70 9.62 22.02
N GLY A 29 -35.53 10.54 22.97
CA GLY A 29 -35.36 11.95 22.64
C GLY A 29 -33.96 12.42 22.25
N ASP A 30 -32.94 11.74 22.75
CA ASP A 30 -31.55 12.21 22.65
C ASP A 30 -31.00 12.34 21.22
N SER A 31 -29.88 13.04 21.09
CA SER A 31 -29.22 13.18 19.81
C SER A 31 -27.74 12.81 19.91
N LEU A 32 -27.05 12.82 18.77
CA LEU A 32 -25.66 12.36 18.69
C LEU A 32 -24.65 13.45 18.98
N GLY A 33 -25.12 14.69 19.01
CA GLY A 33 -24.23 15.83 19.21
C GLY A 33 -23.48 15.72 20.52
N GLN A 34 -24.11 15.09 21.51
CA GLN A 34 -23.51 14.94 22.83
C GLN A 34 -22.17 14.20 22.80
N PHE A 35 -21.94 13.40 21.77
CA PHE A 35 -20.73 12.57 21.70
C PHE A 35 -19.61 13.24 20.92
N GLY A 36 -19.88 14.44 20.42
CA GLY A 36 -18.99 15.07 19.48
C GLY A 36 -19.24 14.39 18.15
N GLN A 37 -18.23 14.31 17.31
CA GLN A 37 -18.41 13.68 16.01
C GLN A 37 -18.34 12.16 16.10
N VAL A 38 -19.27 11.48 15.44
CA VAL A 38 -19.30 10.01 15.45
C VAL A 38 -19.33 9.46 14.03
N TYR A 39 -18.77 8.27 13.86
CA TYR A 39 -18.69 7.63 12.55
C TYR A 39 -19.18 6.18 12.65
N ALA A 40 -19.89 5.73 11.63
CA ALA A 40 -20.40 4.36 11.57
C ALA A 40 -19.71 3.59 10.45
N LYS A 41 -19.78 2.26 10.53
CA LYS A 41 -19.13 1.38 9.56
C LYS A 41 -20.13 0.79 8.56
N ASN A 42 -19.83 0.90 7.26
CA ASN A 42 -20.66 0.36 6.17
C ASN A 42 -22.08 0.94 6.10
N LYS A 43 -22.32 2.09 6.72
CA LYS A 43 -23.61 2.76 6.56
C LYS A 43 -23.42 4.24 6.77
N ILE A 44 -24.42 5.02 6.40
CA ILE A 44 -24.29 6.44 6.64
C ILE A 44 -25.20 6.83 7.80
N VAL A 45 -24.63 7.58 8.74
CA VAL A 45 -25.36 8.02 9.89
C VAL A 45 -25.35 9.54 9.92
N PHE A 46 -26.53 10.14 9.92
CA PHE A 46 -26.66 11.58 10.13
C PHE A 46 -27.17 11.86 11.53
N THR A 47 -28.26 11.20 11.92
CA THR A 47 -28.87 11.43 13.22
C THR A 47 -29.13 10.13 14.00
N ALA A 48 -29.58 10.25 15.24
CA ALA A 48 -29.79 9.08 16.10
C ALA A 48 -30.86 8.15 15.51
N ASP A 49 -31.65 8.66 14.57
CA ASP A 49 -32.61 7.84 13.84
C ASP A 49 -31.92 6.81 12.95
N ASP A 50 -30.69 7.10 12.55
CA ASP A 50 -29.95 6.19 11.65
C ASP A 50 -29.19 5.09 12.38
N VAL A 51 -29.15 5.19 13.71
CA VAL A 51 -28.39 4.27 14.54
C VAL A 51 -29.30 3.20 15.14
N GLU A 52 -28.88 1.93 15.06
CA GLU A 52 -29.66 0.84 15.62
C GLU A 52 -29.21 0.47 17.04
N ASP A 53 -30.09 -0.18 17.78
CA ASP A 53 -29.73 -0.76 19.08
C ASP A 53 -28.48 -1.65 18.89
N LYS A 54 -27.55 -1.55 19.82
CA LYS A 54 -26.31 -2.34 19.86
C LYS A 54 -25.30 -1.99 18.76
N GLU A 55 -25.54 -0.91 18.04
CA GLU A 55 -24.59 -0.48 17.01
C GLU A 55 -23.29 0.06 17.59
N ILE A 56 -22.19 -0.21 16.90
CA ILE A 56 -20.89 0.39 17.26
C ILE A 56 -20.69 1.73 16.54
N LEU A 57 -20.35 2.77 17.29
CA LEU A 57 -19.95 4.04 16.68
C LEU A 57 -18.50 4.38 17.04
N TYR A 58 -17.79 4.95 16.05
CA TYR A 58 -16.39 5.29 16.19
C TYR A 58 -16.22 6.80 16.37
N VAL A 59 -15.31 7.20 17.25
CA VAL A 59 -15.02 8.62 17.45
C VAL A 59 -13.53 8.89 17.25
N PRO A 60 -13.17 10.09 16.78
CA PRO A 60 -11.78 10.48 16.59
C PRO A 60 -10.98 10.35 17.87
N THR A 61 -9.66 10.27 17.75
CA THR A 61 -8.81 10.21 18.94
C THR A 61 -7.55 11.06 18.75
N THR A 62 -7.00 11.51 19.86
CA THR A 62 -5.71 12.22 19.87
C THR A 62 -4.74 11.46 20.77
N ASP A 63 -5.20 10.32 21.29
CA ASP A 63 -4.37 9.46 22.14
C ASP A 63 -3.17 8.91 21.35
N LYS A 64 -1.98 9.24 21.83
CA LYS A 64 -0.72 8.92 21.15
C LYS A 64 -0.51 7.43 20.94
N SER A 65 -0.92 6.61 21.90
CA SER A 65 -0.79 5.16 21.78
C SER A 65 -1.67 4.60 20.65
N ILE A 66 -2.91 5.08 20.56
CA ILE A 66 -3.83 4.64 19.52
C ILE A 66 -3.33 5.07 18.13
N LEU A 67 -2.91 6.32 18.02
CA LEU A 67 -2.40 6.84 16.76
C LEU A 67 -1.13 6.11 16.34
N GLU A 68 -0.26 5.81 17.29
CA GLU A 68 0.95 5.08 16.96
C GLU A 68 0.61 3.64 16.60
N TYR A 69 -0.39 3.08 17.26
CA TYR A 69 -0.88 1.75 16.88
C TYR A 69 -1.33 1.71 15.41
N TYR A 70 -2.12 2.70 15.03
CA TYR A 70 -2.63 2.81 13.65
C TYR A 70 -1.56 3.23 12.65
N GLY A 71 -0.55 3.94 13.13
CA GLY A 71 0.46 4.52 12.26
C GLY A 71 -0.07 5.72 11.48
N LEU A 72 -1.01 6.43 12.07
CA LEU A 72 -1.63 7.61 11.44
C LEU A 72 -1.62 8.79 12.42
N ASP A 73 -1.45 10.00 11.93
CA ASP A 73 -1.60 11.15 12.82
C ASP A 73 -3.09 11.41 13.03
N ALA A 74 -3.43 12.42 13.83
CA ALA A 74 -4.84 12.64 14.18
C ALA A 74 -5.70 12.98 12.95
N GLN A 75 -5.11 13.66 11.99
CA GLN A 75 -5.87 14.11 10.81
C GLN A 75 -6.12 12.97 9.82
N LYS A 76 -5.12 12.12 9.63
CA LYS A 76 -5.29 10.90 8.83
C LYS A 76 -6.28 9.95 9.50
N TYR A 77 -6.23 9.90 10.83
CA TYR A 77 -7.12 9.00 11.56
C TYR A 77 -8.58 9.41 11.34
N VAL A 78 -8.83 10.71 11.29
CA VAL A 78 -10.16 11.23 10.95
C VAL A 78 -10.60 10.78 9.56
N ILE A 79 -9.70 10.87 8.58
CA ILE A 79 -10.00 10.37 7.23
C ILE A 79 -10.27 8.85 7.23
N TYR A 80 -9.45 8.09 7.95
CA TYR A 80 -9.72 6.66 8.20
C TYR A 80 -11.18 6.44 8.64
N LEU A 81 -11.60 7.13 9.69
CA LEU A 81 -12.95 6.95 10.25
C LEU A 81 -14.02 7.32 9.24
N GLN A 82 -13.79 8.40 8.49
CA GLN A 82 -14.71 8.82 7.44
C GLN A 82 -14.91 7.77 6.38
N THR A 83 -13.87 6.99 6.10
CA THR A 83 -13.92 6.03 4.99
C THR A 83 -14.50 4.69 5.46
N LEU A 84 -14.66 4.53 6.77
CA LEU A 84 -15.32 3.34 7.33
C LEU A 84 -16.78 3.20 6.90
N ALA A 85 -17.42 4.32 6.56
CA ALA A 85 -18.80 4.31 6.09
C ALA A 85 -18.98 3.58 4.77
N GLN A 86 -17.91 3.53 3.98
CA GLN A 86 -17.96 2.89 2.66
C GLN A 86 -18.27 1.41 2.79
N LYS A 87 -18.89 0.86 1.77
CA LYS A 87 -19.14 -0.57 1.70
C LYS A 87 -18.58 -1.07 0.37
N TRP A 88 -17.57 -1.93 0.45
CA TRP A 88 -16.93 -2.49 -0.75
C TRP A 88 -17.31 -3.95 -0.94
N ASN A 89 -17.20 -4.44 -2.16
CA ASN A 89 -17.28 -5.88 -2.38
C ASN A 89 -15.91 -6.44 -2.75
N VAL A 90 -15.53 -7.57 -2.14
CA VAL A 90 -14.40 -8.34 -2.64
C VAL A 90 -14.91 -9.35 -3.65
N GLN A 91 -14.13 -9.57 -4.69
CA GLN A 91 -14.40 -10.60 -5.69
C GLN A 91 -13.16 -11.51 -5.85
N TYR A 92 -13.39 -12.74 -6.30
CA TYR A 92 -12.30 -13.70 -6.37
C TYR A 92 -11.91 -13.99 -7.83
N ARG A 93 -10.62 -13.88 -8.11
CA ARG A 93 -10.07 -14.26 -9.41
C ARG A 93 -9.11 -15.37 -9.14
N ASP A 94 -9.54 -16.58 -9.46
CA ASP A 94 -8.83 -17.78 -9.03
C ASP A 94 -8.61 -17.67 -7.52
N ASN A 95 -7.35 -17.71 -7.12
CA ASN A 95 -7.01 -17.64 -5.71
C ASN A 95 -6.78 -16.21 -5.17
N PHE A 96 -6.91 -15.20 -6.02
CA PHE A 96 -6.71 -13.81 -5.57
C PHE A 96 -8.01 -13.07 -5.32
N LEU A 97 -8.06 -12.35 -4.20
CA LEU A 97 -9.13 -11.40 -3.93
C LEU A 97 -8.86 -10.07 -4.64
N ILE A 98 -9.83 -9.57 -5.39
CA ILE A 98 -9.72 -8.24 -5.97
C ILE A 98 -10.79 -7.33 -5.36
N LEU A 99 -10.51 -6.04 -5.34
CA LEU A 99 -11.44 -5.07 -4.82
C LEU A 99 -12.33 -4.66 -5.98
N GLU A 100 -13.63 -4.85 -5.82
CA GLU A 100 -14.54 -4.57 -6.92
C GLU A 100 -14.40 -3.10 -7.30
N TRP A 101 -14.34 -2.84 -8.60
CA TRP A 101 -14.05 -1.50 -9.08
C TRP A 101 -15.19 -0.53 -8.75
N ARG A 102 -14.80 0.68 -8.34
CA ARG A 102 -15.63 1.86 -8.45
C ARG A 102 -14.79 3.03 -8.01
N ASP A 103 -15.20 4.22 -8.41
CA ASP A 103 -14.63 5.47 -7.91
C ASP A 103 -13.09 5.56 -7.92
N GLY A 104 -12.45 5.08 -8.98
CA GLY A 104 -11.00 5.21 -9.14
C GLY A 104 -10.13 4.43 -8.15
N ASN A 105 -10.63 3.29 -7.68
CA ASN A 105 -9.98 2.59 -6.58
C ASN A 105 -8.96 1.53 -7.03
N CYS A 106 -8.49 1.69 -8.27
CA CYS A 106 -7.65 0.67 -8.90
C CYS A 106 -6.23 0.66 -8.33
N TRP A 107 -5.77 1.80 -7.82
CA TRP A 107 -4.45 1.86 -7.19
C TRP A 107 -4.46 1.05 -5.89
N ILE A 108 -5.60 1.04 -5.22
CA ILE A 108 -5.78 0.23 -4.02
C ILE A 108 -5.98 -1.25 -4.35
N SER A 109 -6.85 -1.55 -5.30
CA SER A 109 -7.01 -2.90 -5.80
C SER A 109 -5.68 -3.52 -6.22
N SER A 110 -4.86 -2.73 -6.90
CA SER A 110 -3.59 -3.21 -7.42
C SER A 110 -2.66 -3.60 -6.29
N ALA A 111 -2.62 -2.78 -5.23
CA ALA A 111 -1.77 -3.06 -4.08
C ALA A 111 -2.24 -4.32 -3.36
N ILE A 112 -3.55 -4.48 -3.26
CA ILE A 112 -4.14 -5.65 -2.63
C ILE A 112 -3.75 -6.96 -3.36
N VAL A 113 -3.80 -6.97 -4.69
CA VAL A 113 -3.39 -8.16 -5.43
C VAL A 113 -1.89 -8.43 -5.24
N LEU A 114 -1.08 -7.39 -5.33
CA LEU A 114 0.37 -7.56 -5.28
C LEU A 114 0.83 -8.16 -3.94
N LEU A 115 0.27 -7.67 -2.86
CA LEU A 115 0.64 -8.15 -1.53
C LEU A 115 0.19 -9.59 -1.29
N GLN A 116 -0.92 -9.99 -1.92
CA GLN A 116 -1.28 -11.41 -1.93
C GLN A 116 -0.23 -12.25 -2.68
N ALA A 117 0.21 -11.75 -3.82
CA ALA A 117 1.19 -12.47 -4.64
C ALA A 117 2.48 -12.66 -3.83
N ALA A 118 2.78 -11.71 -2.95
CA ALA A 118 4.00 -11.79 -2.15
C ALA A 118 3.80 -12.54 -0.82
N LYS A 119 2.55 -12.89 -0.50
CA LYS A 119 2.23 -13.45 0.81
C LYS A 119 2.81 -12.59 1.91
N ILE A 120 2.59 -11.29 1.82
CA ILE A 120 3.12 -10.37 2.80
C ILE A 120 2.47 -10.64 4.17
N ARG A 121 3.20 -10.34 5.24
CA ARG A 121 2.61 -10.36 6.57
C ARG A 121 2.78 -8.98 7.19
N PHE A 122 1.78 -8.56 7.95
CA PHE A 122 1.79 -7.25 8.58
C PHE A 122 2.04 -7.33 10.08
N LYS A 123 2.41 -6.21 10.67
CA LYS A 123 2.42 -6.10 12.13
C LYS A 123 1.52 -4.92 12.54
N GLY A 124 1.11 -4.90 13.80
CA GLY A 124 0.27 -3.83 14.30
C GLY A 124 -1.19 -3.87 13.88
N PHE A 125 -1.79 -2.69 13.71
CA PHE A 125 -3.19 -2.61 13.34
C PHE A 125 -3.49 -3.37 12.05
N LEU A 126 -2.59 -3.28 11.08
CA LEU A 126 -2.84 -3.82 9.75
C LEU A 126 -2.89 -5.36 9.71
N THR A 127 -2.39 -6.03 10.75
CA THR A 127 -2.47 -7.49 10.80
C THR A 127 -3.91 -7.95 10.78
N GLU A 128 -4.72 -7.39 11.67
CA GLU A 128 -6.12 -7.75 11.75
C GLU A 128 -6.90 -7.20 10.55
N ALA A 129 -6.56 -6.00 10.09
CA ALA A 129 -7.27 -5.41 8.95
C ALA A 129 -7.09 -6.26 7.68
N TRP A 130 -5.87 -6.72 7.46
CA TRP A 130 -5.55 -7.57 6.31
C TRP A 130 -6.26 -8.92 6.44
N ALA A 131 -6.19 -9.52 7.63
CA ALA A 131 -6.90 -10.77 7.89
C ALA A 131 -8.38 -10.61 7.60
N LYS A 132 -8.97 -9.52 8.07
CA LYS A 132 -10.38 -9.25 7.76
C LYS A 132 -10.64 -9.14 6.26
N LEU A 133 -9.76 -8.45 5.53
CA LEU A 133 -9.89 -8.37 4.08
C LEU A 133 -9.86 -9.76 3.44
N LEU A 134 -8.86 -10.56 3.81
CA LEU A 134 -8.73 -11.91 3.22
C LEU A 134 -9.97 -12.75 3.54
N GLY A 135 -10.58 -12.52 4.70
CA GLY A 135 -11.82 -13.18 5.08
C GLY A 135 -13.06 -12.63 4.38
N GLY A 136 -12.87 -11.60 3.54
CA GLY A 136 -13.97 -11.07 2.74
C GLY A 136 -14.55 -9.74 3.23
N ASP A 137 -13.92 -9.11 4.22
CA ASP A 137 -14.32 -7.76 4.65
C ASP A 137 -13.17 -6.74 4.55
N PRO A 138 -13.12 -6.01 3.43
CA PRO A 138 -12.01 -5.10 3.14
C PRO A 138 -12.14 -3.72 3.80
N THR A 139 -13.22 -3.49 4.56
CA THR A 139 -13.52 -2.16 5.09
C THR A 139 -12.35 -1.49 5.81
N ASP A 140 -11.80 -2.17 6.82
CA ASP A 140 -10.75 -1.54 7.63
C ASP A 140 -9.47 -1.29 6.83
N PHE A 141 -9.08 -2.26 5.99
CA PHE A 141 -7.83 -2.15 5.24
C PHE A 141 -7.93 -1.04 4.20
N VAL A 142 -9.04 -1.03 3.46
CA VAL A 142 -9.21 -0.01 2.42
C VAL A 142 -9.29 1.39 3.05
N ALA A 143 -9.99 1.53 4.17
CA ALA A 143 -10.05 2.84 4.84
C ALA A 143 -8.65 3.28 5.27
N TRP A 144 -7.80 2.34 5.70
CA TRP A 144 -6.45 2.70 6.11
C TRP A 144 -5.66 3.20 4.91
N CYS A 145 -5.84 2.54 3.77
CA CYS A 145 -5.12 2.90 2.56
C CYS A 145 -5.40 4.35 2.13
N TYR A 146 -6.68 4.73 2.09
CA TYR A 146 -7.07 6.10 1.79
C TYR A 146 -6.46 7.07 2.79
N ALA A 147 -6.60 6.74 4.07
CA ALA A 147 -6.10 7.60 5.15
C ALA A 147 -4.62 7.90 5.01
N SER A 148 -3.82 6.86 4.78
CA SER A 148 -2.37 6.99 4.68
C SER A 148 -1.93 7.92 3.54
N CYS A 149 -2.78 8.06 2.53
CA CYS A 149 -2.47 8.94 1.39
C CYS A 149 -3.29 10.23 1.43
N THR A 150 -3.95 10.49 2.55
CA THR A 150 -4.80 11.66 2.73
C THR A 150 -5.73 11.75 1.53
N ALA A 151 -6.38 10.65 1.19
CA ALA A 151 -7.16 10.58 -0.04
C ALA A 151 -8.66 10.38 0.27
N LYS A 152 -9.52 10.93 -0.58
CA LYS A 152 -10.95 10.68 -0.52
C LYS A 152 -11.35 9.58 -1.51
N VAL A 153 -12.44 8.90 -1.22
CA VAL A 153 -13.01 7.94 -2.16
C VAL A 153 -13.39 8.67 -3.44
N GLY A 154 -12.86 8.22 -4.57
CA GLY A 154 -13.02 8.94 -5.82
C GLY A 154 -11.68 9.47 -6.33
N ASP A 155 -10.73 9.67 -5.41
CA ASP A 155 -9.39 10.12 -5.78
C ASP A 155 -8.60 8.99 -6.42
N PHE A 156 -7.88 9.29 -7.49
CA PHE A 156 -6.82 8.40 -7.94
C PHE A 156 -5.56 8.84 -7.19
N SER A 157 -4.67 7.90 -6.91
CA SER A 157 -3.47 8.21 -6.15
C SER A 157 -2.34 7.27 -6.58
N ASP A 158 -1.13 7.60 -6.16
CA ASP A 158 0.07 6.84 -6.52
C ASP A 158 0.13 5.48 -5.81
N ALA A 159 -0.01 4.39 -6.57
CA ALA A 159 0.05 3.05 -5.99
C ALA A 159 1.36 2.80 -5.25
N ASN A 160 2.44 3.43 -5.71
CA ASN A 160 3.75 3.25 -5.09
C ASN A 160 3.90 4.02 -3.76
N TRP A 161 3.25 5.18 -3.65
CA TRP A 161 3.10 5.88 -2.38
C TRP A 161 2.40 4.96 -1.35
N LEU A 162 1.23 4.45 -1.73
CA LEU A 162 0.50 3.51 -0.89
C LEU A 162 1.38 2.32 -0.46
N LEU A 163 2.10 1.70 -1.40
CA LEU A 163 2.93 0.53 -1.06
C LEU A 163 4.06 0.88 -0.08
N ALA A 164 4.70 2.03 -0.32
CA ALA A 164 5.72 2.51 0.62
C ALA A 164 5.12 2.75 2.03
N ASN A 165 3.90 3.29 2.09
CA ASN A 165 3.18 3.44 3.36
C ASN A 165 2.91 2.11 4.07
N LEU A 166 2.35 1.16 3.33
CA LEU A 166 2.09 -0.19 3.86
C LEU A 166 3.38 -0.89 4.31
N ALA A 167 4.45 -0.69 3.55
CA ALA A 167 5.73 -1.39 3.79
C ALA A 167 6.32 -1.09 5.17
N GLU A 168 6.05 0.11 5.67
CA GLU A 168 6.42 0.45 7.05
C GLU A 168 5.82 -0.50 8.09
N HIS A 169 4.77 -1.21 7.75
CA HIS A 169 4.14 -2.12 8.69
C HIS A 169 4.29 -3.58 8.30
N PHE A 170 5.10 -3.87 7.27
CA PHE A 170 5.38 -5.27 6.94
C PHE A 170 6.06 -5.92 8.13
N ASP A 171 5.63 -7.15 8.43
CA ASP A 171 6.35 -7.97 9.39
C ASP A 171 7.50 -8.66 8.67
N ALA A 172 8.53 -7.89 8.34
CA ALA A 172 9.66 -8.43 7.58
C ALA A 172 10.96 -8.32 8.39
N ASP A 173 11.94 -9.17 8.08
CA ASP A 173 13.23 -9.11 8.75
C ASP A 173 14.07 -7.99 8.18
N TYR A 174 13.79 -6.76 8.62
CA TYR A 174 14.49 -5.57 8.14
C TYR A 174 15.87 -5.47 8.73
N THR A 175 16.08 -6.18 9.83
CA THR A 175 17.32 -6.08 10.57
C THR A 175 18.49 -6.51 9.69
N ASN A 176 18.33 -7.65 9.03
CA ASN A 176 19.40 -8.20 8.19
C ASN A 176 19.21 -7.90 6.71
N ALA A 177 18.35 -6.93 6.42
CA ALA A 177 18.17 -6.46 5.05
C ALA A 177 19.34 -5.58 4.66
N PHE A 178 20.00 -5.95 3.57
CA PHE A 178 21.30 -5.39 3.27
C PHE A 178 21.46 -5.13 1.77
N LEU A 179 21.92 -3.95 1.41
CA LEU A 179 22.19 -3.66 0.00
C LEU A 179 23.53 -2.92 -0.15
N LYS A 180 24.45 -3.48 -0.94
CA LYS A 180 25.74 -2.81 -1.14
C LYS A 180 25.94 -2.41 -2.60
N LYS A 181 26.29 -1.14 -2.77
CA LYS A 181 26.40 -0.56 -4.11
C LYS A 181 27.80 -0.02 -4.39
N ARG A 182 28.17 -0.03 -5.65
CA ARG A 182 29.48 0.44 -6.09
C ARG A 182 29.32 1.54 -7.12
N VAL A 183 29.85 2.71 -6.79
CA VAL A 183 29.76 3.85 -7.68
C VAL A 183 31.12 4.14 -8.30
N SER A 184 31.15 4.26 -9.63
CA SER A 184 32.36 4.47 -10.40
C SER A 184 32.24 5.71 -11.27
N CYS A 185 33.24 6.58 -11.22
CA CYS A 185 33.36 7.74 -12.12
C CYS A 185 34.81 8.25 -12.11
N ASN A 186 35.05 9.47 -12.58
CA ASN A 186 36.41 9.99 -12.55
C ASN A 186 36.83 10.40 -11.15
N CYS A 187 35.90 10.40 -10.20
CA CYS A 187 36.24 10.62 -8.79
C CYS A 187 36.86 9.39 -8.18
N GLY A 188 36.63 8.23 -8.79
CA GLY A 188 37.17 7.00 -8.24
C GLY A 188 36.18 5.85 -8.24
N ILE A 189 36.45 4.85 -7.42
CA ILE A 189 35.51 3.76 -7.20
C ILE A 189 35.12 3.79 -5.73
N LYS A 190 33.85 4.07 -5.46
CA LYS A 190 33.38 4.14 -4.08
C LYS A 190 32.27 3.11 -3.82
N SER A 191 31.99 2.86 -2.55
CA SER A 191 30.87 1.99 -2.19
C SER A 191 30.05 2.62 -1.07
N TYR A 192 28.77 2.26 -1.01
CA TYR A 192 27.93 2.64 0.11
C TYR A 192 26.98 1.49 0.38
N GLU A 193 26.44 1.44 1.59
CA GLU A 193 25.52 0.39 2.01
C GLU A 193 24.19 0.97 2.46
N LEU A 194 23.13 0.23 2.19
CA LEU A 194 21.81 0.58 2.68
C LEU A 194 21.34 -0.59 3.52
N ARG A 195 20.64 -0.31 4.62
CA ARG A 195 20.07 -1.35 5.45
C ARG A 195 18.59 -1.12 5.70
N GLY A 196 17.91 -2.19 6.12
CA GLY A 196 16.53 -2.10 6.53
C GLY A 196 15.60 -1.71 5.42
N LEU A 197 14.63 -0.88 5.77
CA LEU A 197 13.55 -0.53 4.87
C LEU A 197 14.05 0.24 3.64
N GLU A 198 15.00 1.15 3.83
CA GLU A 198 15.54 1.94 2.73
C GLU A 198 16.26 1.07 1.69
N ALA A 199 16.75 -0.10 2.13
CA ALA A 199 17.38 -1.04 1.22
C ALA A 199 16.37 -1.82 0.37
N CYS A 200 15.15 -2.02 0.90
CA CYS A 200 14.16 -2.87 0.22
C CYS A 200 13.33 -2.14 -0.82
N ILE A 201 13.21 -0.83 -0.67
CA ILE A 201 12.42 -0.01 -1.56
C ILE A 201 13.36 0.81 -2.44
N GLN A 202 13.34 0.53 -3.73
CA GLN A 202 14.33 1.10 -4.64
C GLN A 202 13.73 1.79 -5.85
N PRO A 203 13.97 3.10 -5.95
CA PRO A 203 13.60 3.85 -7.15
C PRO A 203 14.45 3.45 -8.36
N VAL A 204 13.83 3.28 -9.52
CA VAL A 204 14.54 2.90 -10.74
C VAL A 204 13.92 3.60 -11.94
N ARG A 205 14.65 3.64 -13.05
CA ARG A 205 14.15 4.15 -14.33
C ARG A 205 13.07 3.23 -14.92
N ALA A 206 13.29 1.93 -14.80
CA ALA A 206 12.30 0.95 -15.23
C ALA A 206 12.36 -0.23 -14.27
N THR A 207 11.23 -0.87 -14.02
CA THR A 207 11.15 -1.82 -12.93
C THR A 207 11.41 -3.25 -13.40
N ASN A 208 12.68 -3.58 -13.62
CA ASN A 208 13.15 -4.96 -13.67
C ASN A 208 14.57 -5.02 -13.10
N LEU A 209 15.11 -6.22 -12.92
CA LEU A 209 16.39 -6.39 -12.22
C LEU A 209 17.57 -5.80 -12.99
N LEU A 210 17.51 -5.81 -14.32
CA LEU A 210 18.56 -5.17 -15.13
C LEU A 210 18.72 -3.69 -14.79
N HIS A 211 17.60 -2.97 -14.66
CA HIS A 211 17.70 -1.56 -14.35
C HIS A 211 17.99 -1.31 -12.86
N PHE A 212 17.63 -2.26 -12.02
CA PHE A 212 17.98 -2.17 -10.61
C PHE A 212 19.49 -2.34 -10.40
N LYS A 213 20.09 -3.29 -11.10
CA LYS A 213 21.47 -3.69 -10.84
C LYS A 213 22.51 -2.70 -11.34
N THR A 214 22.17 -1.96 -12.38
CA THR A 214 23.04 -0.92 -12.90
C THR A 214 22.27 0.35 -13.21
N GLN A 215 22.69 1.47 -12.62
CA GLN A 215 22.12 2.76 -12.97
C GLN A 215 23.17 3.70 -13.51
N TYR A 216 22.77 4.45 -14.53
CA TYR A 216 23.65 5.35 -15.24
C TYR A 216 23.21 6.77 -15.00
N SER A 217 24.16 7.60 -14.58
CA SER A 217 23.89 9.00 -14.37
C SER A 217 25.13 9.79 -14.79
N ASN A 218 25.19 11.05 -14.41
CA ASN A 218 26.41 11.81 -14.61
C ASN A 218 26.82 12.34 -13.24
N CYS A 219 28.10 12.24 -12.90
CA CYS A 219 28.53 12.68 -11.59
C CYS A 219 28.54 14.20 -11.52
N PRO A 220 27.98 14.77 -10.44
CA PRO A 220 27.97 16.23 -10.26
C PRO A 220 29.32 16.81 -9.79
N THR A 221 30.22 15.97 -9.30
CA THR A 221 31.53 16.44 -8.84
C THR A 221 32.56 16.42 -9.98
N CYS A 222 32.76 15.27 -10.62
CA CYS A 222 33.57 15.25 -11.84
C CYS A 222 32.63 15.53 -12.99
N GLY A 223 33.12 15.48 -14.23
CA GLY A 223 32.21 15.77 -15.32
C GLY A 223 31.52 14.53 -15.90
N ALA A 224 32.00 13.36 -15.51
CA ALA A 224 31.82 12.16 -16.34
C ALA A 224 30.57 11.34 -16.07
N ASN A 225 30.38 10.32 -16.90
CA ASN A 225 29.33 9.34 -16.69
C ASN A 225 29.66 8.51 -15.47
N ASN A 226 28.69 8.29 -14.59
CA ASN A 226 28.98 7.43 -13.47
C ASN A 226 28.05 6.23 -13.48
N THR A 227 28.53 5.16 -12.88
CA THR A 227 27.83 3.89 -12.87
C THR A 227 27.61 3.54 -11.42
N ASP A 228 26.36 3.26 -11.07
CA ASP A 228 26.01 2.87 -9.70
C ASP A 228 25.48 1.43 -9.79
N GLU A 229 26.20 0.48 -9.20
CA GLU A 229 25.88 -0.94 -9.37
C GLU A 229 25.60 -1.64 -8.08
N VAL A 230 24.65 -2.57 -8.11
CA VAL A 230 24.42 -3.49 -7.01
C VAL A 230 25.50 -4.57 -7.03
N ILE A 231 26.24 -4.71 -5.94
CA ILE A 231 27.25 -5.76 -5.89
C ILE A 231 26.89 -6.80 -4.85
N GLU A 232 26.00 -6.42 -3.94
CA GLU A 232 25.52 -7.39 -2.96
C GLU A 232 24.14 -7.04 -2.43
N ALA A 233 23.28 -8.04 -2.29
CA ALA A 233 21.95 -7.82 -1.73
C ALA A 233 21.42 -9.05 -1.01
N SER A 234 20.80 -8.80 0.14
CA SER A 234 20.08 -9.82 0.87
C SER A 234 18.87 -9.14 1.48
N LEU A 235 17.69 -9.39 0.90
CA LEU A 235 16.50 -8.61 1.21
C LEU A 235 15.29 -9.51 1.43
N PRO A 236 14.52 -9.25 2.49
CA PRO A 236 13.27 -9.98 2.73
C PRO A 236 12.29 -9.81 1.55
N TYR A 237 12.30 -8.62 0.95
CA TYR A 237 11.56 -8.36 -0.27
C TYR A 237 12.25 -7.19 -0.96
N LEU A 238 11.98 -7.02 -2.25
CA LEU A 238 12.48 -5.87 -2.99
C LEU A 238 11.34 -5.23 -3.76
N LEU A 239 11.09 -3.95 -3.50
CA LEU A 239 10.14 -3.18 -4.30
C LEU A 239 10.88 -2.21 -5.21
N LEU A 240 10.71 -2.37 -6.52
CA LEU A 240 11.19 -1.38 -7.48
C LEU A 240 10.04 -0.42 -7.86
N PHE A 241 10.31 0.88 -7.74
CA PHE A 241 9.35 1.95 -8.10
C PHE A 241 9.87 2.74 -9.30
N ALA A 242 9.04 2.97 -10.31
CA ALA A 242 9.47 3.79 -11.44
C ALA A 242 9.58 5.27 -11.02
N THR A 243 10.65 5.94 -11.46
CA THR A 243 10.91 7.32 -11.01
C THR A 243 10.31 8.36 -11.95
N ASP A 244 10.19 8.02 -13.23
CA ASP A 244 9.82 9.00 -14.24
C ASP A 244 8.61 8.52 -15.03
N GLY A 245 7.61 7.99 -14.33
CA GLY A 245 6.43 7.47 -14.98
C GLY A 245 6.62 6.05 -15.46
N PRO A 246 5.58 5.46 -16.05
CA PRO A 246 5.67 4.06 -16.51
C PRO A 246 6.73 3.90 -17.61
N ALA A 247 7.47 2.79 -17.57
CA ALA A 247 8.46 2.52 -18.61
C ALA A 247 8.23 1.12 -19.13
N THR A 248 8.13 1.00 -20.45
CA THR A 248 7.76 -0.26 -21.09
C THR A 248 8.97 -1.16 -21.28
N VAL A 249 9.00 -2.25 -20.51
CA VAL A 249 10.09 -3.21 -20.54
C VAL A 249 9.50 -4.59 -20.24
N ASP A 250 10.27 -5.63 -20.53
CA ASP A 250 9.96 -6.99 -20.09
C ASP A 250 10.08 -7.09 -18.59
N CYS A 251 9.11 -7.74 -17.95
CA CYS A 251 9.23 -8.03 -16.53
C CYS A 251 10.16 -9.21 -16.35
N ASP A 252 10.68 -9.42 -15.14
CA ASP A 252 11.44 -10.62 -14.82
C ASP A 252 10.49 -11.73 -14.43
N GLU A 253 10.86 -12.96 -14.76
CA GLU A 253 10.06 -14.10 -14.36
C GLU A 253 10.19 -14.34 -12.87
N ASP A 254 11.26 -13.81 -12.28
CA ASP A 254 11.54 -13.95 -10.85
C ASP A 254 10.62 -13.10 -9.98
N ALA A 255 10.00 -12.08 -10.56
CA ALA A 255 9.13 -11.19 -9.80
C ALA A 255 7.87 -11.91 -9.34
N VAL A 256 7.43 -11.70 -8.11
CA VAL A 256 6.14 -12.27 -7.70
C VAL A 256 5.00 -11.47 -8.32
N GLY A 257 5.26 -10.21 -8.67
CA GLY A 257 4.22 -9.42 -9.31
C GLY A 257 4.69 -8.06 -9.79
N THR A 258 3.86 -7.42 -10.62
CA THR A 258 4.15 -6.11 -11.17
C THR A 258 2.88 -5.25 -11.16
N VAL A 259 3.02 -3.93 -11.28
CA VAL A 259 1.86 -3.05 -11.45
C VAL A 259 2.05 -2.31 -12.75
N VAL A 260 0.99 -2.31 -13.56
CA VAL A 260 0.97 -1.66 -14.86
C VAL A 260 0.15 -0.36 -14.76
N PHE A 261 0.64 0.68 -15.43
CA PHE A 261 -0.07 1.97 -15.45
C PHE A 261 -0.38 2.36 -16.88
N VAL A 262 -1.65 2.66 -17.14
CA VAL A 262 -2.08 3.16 -18.45
C VAL A 262 -2.84 4.48 -18.31
N GLY A 263 -2.77 5.33 -19.32
CA GLY A 263 -3.45 6.60 -19.28
C GLY A 263 -2.49 7.75 -19.14
N SER A 264 -2.95 8.84 -18.56
CA SER A 264 -2.11 10.03 -18.39
C SER A 264 -1.91 10.34 -16.92
N THR A 265 -0.96 11.22 -16.64
CA THR A 265 -0.66 11.61 -15.26
C THR A 265 -1.91 12.15 -14.56
N ASN A 266 -2.85 12.69 -15.34
CA ASN A 266 -4.22 12.94 -14.85
C ASN A 266 -5.37 11.95 -14.73
N SER A 267 -5.51 11.08 -15.73
CA SER A 267 -6.68 10.19 -15.85
C SER A 267 -5.89 8.89 -16.03
N GLY A 268 -5.50 8.30 -14.90
CA GLY A 268 -4.68 7.09 -14.92
C GLY A 268 -5.35 5.87 -14.28
N HIS A 269 -4.95 4.70 -14.75
CA HIS A 269 -5.53 3.44 -14.29
C HIS A 269 -4.40 2.43 -14.00
N CYS A 270 -4.50 1.74 -12.86
CA CYS A 270 -3.52 0.74 -12.43
C CYS A 270 -4.10 -0.66 -12.50
N TYR A 271 -3.28 -1.65 -12.86
CA TYR A 271 -3.63 -3.02 -12.54
C TYR A 271 -2.39 -3.86 -12.24
N THR A 272 -2.60 -5.00 -11.61
CA THR A 272 -1.49 -5.83 -11.18
C THR A 272 -1.34 -7.08 -12.04
N GLN A 273 -0.09 -7.48 -12.30
CA GLN A 273 0.13 -8.78 -12.92
C GLN A 273 0.81 -9.69 -11.92
N ALA A 274 0.34 -10.94 -11.87
CA ALA A 274 0.96 -11.95 -11.00
C ALA A 274 0.51 -13.35 -11.44
N ALA A 275 1.27 -14.36 -11.04
CA ALA A 275 1.01 -15.76 -11.41
C ALA A 275 0.62 -15.91 -12.87
N GLY A 276 1.34 -15.22 -13.76
CA GLY A 276 1.08 -15.29 -15.19
C GLY A 276 -0.26 -14.73 -15.63
N GLN A 277 -0.89 -13.91 -14.79
CA GLN A 277 -2.24 -13.39 -15.04
C GLN A 277 -2.34 -11.87 -14.81
N ALA A 278 -3.22 -11.22 -15.56
CA ALA A 278 -3.55 -9.82 -15.31
C ALA A 278 -4.76 -9.71 -14.39
N PHE A 279 -4.64 -8.91 -13.33
CA PHE A 279 -5.75 -8.65 -12.41
C PHE A 279 -6.16 -7.18 -12.44
N ASP A 280 -7.02 -6.86 -13.40
CA ASP A 280 -7.54 -5.52 -13.62
C ASP A 280 -8.98 -5.50 -13.10
N ASN A 281 -9.25 -4.77 -12.02
CA ASN A 281 -10.57 -4.86 -11.38
C ASN A 281 -11.63 -4.15 -12.23
N LEU A 282 -11.18 -3.30 -13.14
CA LEU A 282 -12.07 -2.62 -14.06
C LEU A 282 -12.33 -3.46 -15.32
N ALA A 283 -11.28 -4.07 -15.86
CA ALA A 283 -11.41 -4.87 -17.09
C ALA A 283 -11.15 -6.35 -16.84
N LYS A 284 -12.24 -7.12 -16.75
CA LYS A 284 -12.21 -8.56 -16.51
C LYS A 284 -11.35 -9.35 -17.49
N ASP A 285 -11.28 -8.88 -18.74
CA ASP A 285 -10.70 -9.70 -19.77
C ASP A 285 -9.32 -9.23 -20.19
N ARG A 286 -8.71 -8.35 -19.40
CA ARG A 286 -7.36 -7.91 -19.75
C ARG A 286 -6.38 -9.09 -19.74
N LYS A 287 -5.51 -9.11 -20.74
CA LYS A 287 -4.56 -10.20 -20.87
C LYS A 287 -3.21 -9.83 -20.27
N PHE A 288 -2.53 -10.84 -19.74
CA PHE A 288 -1.15 -10.72 -19.31
C PHE A 288 -0.24 -10.30 -20.47
N GLY A 289 0.58 -9.29 -20.23
CA GLY A 289 1.58 -8.86 -21.20
C GLY A 289 2.94 -8.75 -20.53
N LYS A 290 3.91 -9.53 -20.99
CA LYS A 290 5.22 -9.59 -20.36
C LYS A 290 5.93 -8.26 -20.53
N LYS A 291 5.73 -7.63 -21.68
CA LYS A 291 6.23 -6.27 -21.90
C LYS A 291 5.09 -5.28 -21.73
N SER A 292 5.12 -4.50 -20.66
CA SER A 292 4.04 -3.55 -20.34
C SER A 292 4.61 -2.28 -19.76
N PRO A 293 3.85 -1.18 -19.80
CA PRO A 293 4.31 0.03 -19.12
C PRO A 293 4.23 -0.11 -17.59
N TYR A 294 5.31 -0.60 -16.98
CA TYR A 294 5.32 -0.89 -15.56
C TYR A 294 5.67 0.34 -14.71
N ILE A 295 5.08 0.42 -13.52
CA ILE A 295 5.51 1.39 -12.51
C ILE A 295 6.04 0.69 -11.25
N THR A 296 5.78 -0.61 -11.14
CA THR A 296 6.14 -1.40 -9.94
C THR A 296 6.56 -2.83 -10.28
N ALA A 297 7.62 -3.33 -9.64
CA ALA A 297 7.88 -4.77 -9.60
C ALA A 297 8.23 -5.17 -8.17
N TYR A 299 9.72 -8.41 -5.61
CA TYR A 299 10.49 -9.64 -5.47
C TYR A 299 10.47 -10.01 -4.01
N THR A 300 10.49 -11.31 -3.70
CA THR A 300 10.57 -11.74 -2.30
C THR A 300 11.86 -12.53 -2.09
N ARG A 301 12.40 -12.46 -0.87
CA ARG A 301 13.59 -13.22 -0.51
C ARG A 301 14.65 -13.08 -1.59
N PHE A 302 15.00 -11.84 -1.88
CA PHE A 302 15.92 -11.54 -2.95
C PHE A 302 17.35 -11.55 -2.43
N ALA A 303 18.23 -12.20 -3.19
CA ALA A 303 19.64 -12.25 -2.80
C ALA A 303 20.49 -12.19 -4.05
N PHE A 304 21.64 -11.53 -3.96
CA PHE A 304 22.47 -11.39 -5.13
C PHE A 304 23.92 -11.05 -4.73
N LYS A 305 24.87 -11.51 -5.52
CA LYS A 305 26.25 -11.06 -5.37
C LYS A 305 26.95 -11.03 -6.73
N ASN A 306 27.69 -9.95 -6.97
CA ASN A 306 28.43 -9.74 -8.21
C ASN A 306 29.95 -9.65 -7.96
N GLU A 307 30.68 -10.70 -8.33
CA GLU A 307 32.14 -10.76 -8.08
C GLU A 307 33.06 -10.59 -9.31
N THR A 308 32.50 -10.16 -10.45
CA THR A 308 33.30 -9.92 -11.67
C THR A 308 33.94 -8.52 -11.62
N SER A 309 35.07 -8.27 -12.28
CA SER A 309 35.83 -9.21 -13.12
C SER A 309 36.50 -10.35 -12.34
#